data_4PZT
#
_entry.id   4PZT
#
_cell.length_a   63.681
_cell.length_b   63.681
_cell.length_c   104.122
_cell.angle_alpha   90.00
_cell.angle_beta   90.00
_cell.angle_gamma   90.00
#
_symmetry.space_group_name_H-M   'P 43'
#
loop_
_entity.id
_entity.type
_entity.pdbx_description
1 polymer 'Histone acetyltransferase p300'
2 non-polymer '[(2R,3S,4R,5R)-5-(6-AMINO-9H-PURIN-9-YL)-4-HYDROXY-3-(PHOSPHONOOXY)TETRAHYDROFURAN-2-YL]METHYL (3R)-3-HYDROXY-2,2-DIMETHYL-4-OXO-4-{[3-OXO-3-({2-[(2-OXOPROPYL)THIO]ETHYL}AMINO)PROPYL]AMINO}BUTYL DIHYDROGEN DIPHOSPHATE'
3 non-polymer 'DIMETHYL SULFOXIDE'
4 water water
#
_entity_poly.entity_id   1
_entity_poly.type   'polypeptide(L)'
_entity_poly.pdbx_seq_one_letter_code
;KFSAKRLPSTRLGTFLENRVNDFLRRQNHPESGEVTVRVVHASDKTVEVKPGMKARFVDSGEMAESFPYRTKALFAFEEI
DGVDLCFFGMHVQEYGSDCPPPNQRRVYISYLDSVHFFRPKCLRTAVYHEILIGYLEYVKKLGYTTGHIWACPPSEGDDY
IFHCHPPDQKIPKPKRLQEWFKKMLDKAVSERIVHDYKDIFKQATEDRLTSAKELPYFEGDFWPNVLEESIKELEQEEEE
RKREENTSNESTDVTKGDSKNAKKKNNKKTSKNKSSLSRGNKKKPGMPNVSNDLSQKLYATMEKHKEVFFVIRLIAGPAA
NSLPPIVDPDPLIPCDLMDGRDAFLTLARDKHLEFSSLRRAQWSTMCMLVELHTQSQD
;
_entity_poly.pdbx_strand_id   A
#
# COMPACT_ATOMS: atom_id res chain seq x y z
N LYS A 1 -21.93 -20.85 -7.88
CA LYS A 1 -22.04 -19.66 -7.04
C LYS A 1 -20.86 -18.71 -7.29
N PHE A 2 -21.22 -17.44 -7.41
CA PHE A 2 -20.32 -16.32 -7.60
C PHE A 2 -19.96 -15.61 -6.27
N SER A 3 -20.23 -16.26 -5.15
CA SER A 3 -19.94 -15.66 -3.84
C SER A 3 -18.46 -15.37 -3.62
N ALA A 4 -18.17 -14.46 -2.70
CA ALA A 4 -16.79 -14.08 -2.39
C ALA A 4 -15.99 -15.25 -1.80
N LYS A 5 -16.65 -16.04 -0.97
CA LYS A 5 -16.00 -17.19 -0.35
C LYS A 5 -15.41 -18.14 -1.40
N ARG A 6 -16.13 -18.29 -2.51
CA ARG A 6 -15.75 -19.25 -3.54
C ARG A 6 -14.65 -18.76 -4.48
N LEU A 7 -14.22 -17.50 -4.33
CA LEU A 7 -13.08 -17.00 -5.10
C LEU A 7 -11.85 -17.85 -4.80
N PRO A 8 -11.00 -18.10 -5.82
CA PRO A 8 -9.79 -18.89 -5.56
C PRO A 8 -8.99 -18.27 -4.42
N SER A 9 -8.52 -19.10 -3.49
CA SER A 9 -7.84 -18.59 -2.30
C SER A 9 -6.33 -18.55 -2.45
N THR A 10 -5.66 -17.97 -1.46
CA THR A 10 -4.20 -17.81 -1.47
C THR A 10 -3.69 -17.99 -0.06
N ARG A 11 -2.41 -18.33 0.09
CA ARG A 11 -1.84 -18.42 1.42
C ARG A 11 -2.11 -17.10 2.12
N LEU A 12 -1.79 -16.01 1.42
CA LEU A 12 -1.86 -14.68 1.96
C LEU A 12 -3.28 -14.29 2.37
N GLY A 13 -4.20 -14.29 1.40
CA GLY A 13 -5.60 -14.00 1.67
C GLY A 13 -6.15 -14.86 2.80
N THR A 14 -5.75 -16.13 2.83
CA THR A 14 -6.20 -17.05 3.86
C THR A 14 -5.66 -16.67 5.25
N PHE A 15 -4.37 -16.35 5.32
CA PHE A 15 -3.71 -15.89 6.54
C PHE A 15 -4.46 -14.70 7.15
N LEU A 16 -4.81 -13.75 6.28
CA LEU A 16 -5.48 -12.56 6.73
C LEU A 16 -6.85 -12.92 7.31
N GLU A 17 -7.69 -13.55 6.51
CA GLU A 17 -9.03 -13.89 6.95
C GLU A 17 -9.04 -14.79 8.19
N ASN A 18 -8.05 -15.67 8.30
CA ASN A 18 -7.96 -16.49 9.51
C ASN A 18 -7.69 -15.63 10.74
N ARG A 19 -6.77 -14.67 10.61
CA ARG A 19 -6.44 -13.79 11.71
C ARG A 19 -7.66 -13.01 12.16
N VAL A 20 -8.36 -12.41 11.19
CA VAL A 20 -9.50 -11.56 11.52
C VAL A 20 -10.63 -12.36 12.19
N ASN A 21 -10.95 -13.55 11.66
CA ASN A 21 -12.04 -14.34 12.20
C ASN A 21 -11.73 -14.84 13.59
N ASP A 22 -10.44 -15.09 13.87
CA ASP A 22 -10.03 -15.48 15.22
C ASP A 22 -10.36 -14.33 16.14
N PHE A 23 -9.89 -13.16 15.75
CA PHE A 23 -10.10 -11.96 16.52
C PHE A 23 -11.60 -11.71 16.73
N LEU A 24 -12.38 -11.91 15.66
CA LEU A 24 -13.81 -11.77 15.77
C LEU A 24 -14.46 -12.78 16.75
N ARG A 25 -14.02 -14.05 16.69
CA ARG A 25 -14.48 -15.08 17.63
C ARG A 25 -14.20 -14.71 19.08
N ARG A 26 -13.00 -14.19 19.34
CA ARG A 26 -12.62 -13.81 20.69
C ARG A 26 -13.50 -12.69 21.21
N GLN A 27 -13.87 -11.77 20.31
CA GLN A 27 -14.76 -10.67 20.67
C GLN A 27 -16.13 -11.17 21.06
N ASN A 28 -16.50 -12.32 20.49
CA ASN A 28 -17.80 -12.94 20.68
C ASN A 28 -18.97 -11.96 20.66
N HIS A 29 -19.15 -11.28 19.53
CA HIS A 29 -20.19 -10.26 19.37
C HIS A 29 -21.22 -10.81 18.39
N PRO A 30 -22.50 -10.82 18.80
CA PRO A 30 -23.61 -11.45 18.08
C PRO A 30 -23.87 -10.90 16.67
N GLU A 31 -23.48 -9.65 16.39
CA GLU A 31 -23.80 -9.00 15.12
C GLU A 31 -22.72 -9.17 14.03
N SER A 32 -21.53 -9.65 14.41
CA SER A 32 -20.46 -9.82 13.44
C SER A 32 -20.66 -11.05 12.57
N GLY A 33 -20.37 -10.93 11.28
CA GLY A 33 -20.48 -12.06 10.37
C GLY A 33 -19.10 -12.55 9.97
N GLU A 34 -19.04 -13.61 9.17
CA GLU A 34 -17.75 -14.14 8.69
C GLU A 34 -17.04 -13.20 7.70
N VAL A 35 -15.73 -13.06 7.86
CA VAL A 35 -14.94 -12.25 6.95
C VAL A 35 -14.14 -13.08 5.96
N THR A 36 -14.06 -12.57 4.74
CA THR A 36 -13.34 -13.27 3.68
C THR A 36 -12.29 -12.35 3.08
N VAL A 37 -11.09 -12.84 2.92
CA VAL A 37 -10.04 -12.06 2.28
C VAL A 37 -9.51 -12.83 1.08
N ARG A 38 -9.44 -12.13 -0.04
CA ARG A 38 -9.07 -12.73 -1.32
C ARG A 38 -8.08 -11.83 -2.03
N VAL A 39 -6.95 -12.40 -2.48
CA VAL A 39 -6.06 -11.69 -3.40
C VAL A 39 -6.63 -11.91 -4.80
N VAL A 40 -7.10 -10.84 -5.43
CA VAL A 40 -7.75 -10.95 -6.71
C VAL A 40 -6.88 -10.51 -7.87
N HIS A 41 -5.70 -9.99 -7.57
CA HIS A 41 -4.70 -9.72 -8.58
C HIS A 41 -3.30 -9.90 -8.04
N ALA A 42 -2.45 -10.66 -8.73
CA ALA A 42 -1.00 -10.65 -8.47
C ALA A 42 -0.18 -10.74 -9.77
N SER A 43 0.67 -9.74 -9.99
CA SER A 43 1.48 -9.70 -11.22
C SER A 43 2.86 -9.05 -10.97
N ASP A 44 3.81 -9.30 -11.89
CA ASP A 44 5.17 -8.75 -11.78
C ASP A 44 5.34 -7.50 -12.65
N LYS A 45 5.87 -6.43 -12.06
CA LYS A 45 6.05 -5.14 -12.77
C LYS A 45 7.44 -4.50 -12.57
N THR A 46 7.66 -3.34 -13.18
CA THR A 46 8.83 -2.55 -12.86
C THR A 46 8.45 -1.12 -12.58
N VAL A 47 9.21 -0.47 -11.69
CA VAL A 47 9.12 0.99 -11.58
C VAL A 47 10.37 1.60 -12.23
N GLU A 48 10.16 2.54 -13.14
CA GLU A 48 11.25 3.18 -13.87
C GLU A 48 11.63 4.51 -13.26
N VAL A 49 12.91 4.66 -12.95
CA VAL A 49 13.46 5.94 -12.50
C VAL A 49 13.20 6.99 -13.56
N LYS A 50 12.57 8.08 -13.14
CA LYS A 50 12.14 9.12 -14.07
C LYS A 50 13.34 9.89 -14.58
N PRO A 51 13.17 10.61 -15.69
CA PRO A 51 14.32 11.33 -16.24
C PRO A 51 14.88 12.31 -15.23
N GLY A 52 16.19 12.31 -15.08
CA GLY A 52 16.82 13.27 -14.20
C GLY A 52 17.24 12.67 -12.88
N MET A 53 16.54 11.64 -12.40
CA MET A 53 17.19 10.72 -11.49
C MET A 53 17.96 9.81 -12.43
N LYS A 54 17.31 9.54 -13.56
CA LYS A 54 17.87 8.82 -14.69
C LYS A 54 19.22 9.37 -15.06
N ALA A 55 19.19 10.62 -15.48
CA ALA A 55 20.37 11.37 -15.88
C ALA A 55 21.48 11.32 -14.82
N ARG A 56 21.13 11.62 -13.57
CA ARG A 56 22.11 11.87 -12.51
C ARG A 56 22.75 10.62 -11.91
N PHE A 57 22.03 9.50 -11.95
CA PHE A 57 22.41 8.31 -11.21
C PHE A 57 22.44 7.07 -12.12
N VAL A 58 21.32 6.81 -12.80
CA VAL A 58 21.23 5.65 -13.68
C VAL A 58 22.34 5.63 -14.74
N ASP A 59 22.47 6.75 -15.46
CA ASP A 59 23.40 6.86 -16.59
C ASP A 59 24.83 6.79 -16.09
N SER A 60 25.06 7.40 -14.95
CA SER A 60 26.32 7.28 -14.24
C SER A 60 26.67 5.83 -13.82
N GLY A 61 25.69 4.93 -13.88
CA GLY A 61 25.89 3.56 -13.40
C GLY A 61 25.83 3.36 -11.89
N GLU A 62 25.48 4.41 -11.14
CA GLU A 62 25.40 4.36 -9.68
C GLU A 62 24.12 3.74 -9.13
N MET A 63 23.08 3.71 -9.96
CA MET A 63 21.76 3.21 -9.54
C MET A 63 20.96 2.59 -10.69
N ALA A 64 20.27 1.47 -10.40
CA ALA A 64 19.58 0.69 -11.42
C ALA A 64 18.48 1.49 -12.09
N GLU A 65 18.18 1.17 -13.34
CA GLU A 65 17.26 2.00 -14.11
C GLU A 65 15.80 1.76 -13.73
N SER A 66 15.54 0.57 -13.21
CA SER A 66 14.20 0.20 -12.78
C SER A 66 14.24 -0.88 -11.69
N PHE A 67 13.18 -0.99 -10.90
CA PHE A 67 13.12 -2.05 -9.90
C PHE A 67 11.90 -2.95 -10.11
N PRO A 68 12.11 -4.27 -10.02
CA PRO A 68 11.01 -5.21 -10.19
C PRO A 68 10.20 -5.36 -8.92
N TYR A 69 8.88 -5.37 -9.03
CA TYR A 69 8.08 -5.72 -7.88
C TYR A 69 6.92 -6.56 -8.30
N ARG A 70 6.42 -7.34 -7.35
CA ARG A 70 5.13 -7.95 -7.51
C ARG A 70 4.09 -6.95 -6.99
N THR A 71 2.94 -6.90 -7.64
CA THR A 71 1.85 -6.07 -7.15
C THR A 71 0.68 -7.00 -6.83
N LYS A 72 -0.10 -6.64 -5.81
CA LYS A 72 -1.20 -7.48 -5.36
C LYS A 72 -2.39 -6.62 -4.94
N ALA A 73 -3.60 -7.08 -5.28
CA ALA A 73 -4.81 -6.45 -4.76
C ALA A 73 -5.55 -7.48 -3.92
N LEU A 74 -5.95 -7.07 -2.72
CA LEU A 74 -6.74 -7.94 -1.88
C LEU A 74 -7.95 -7.19 -1.36
N PHE A 75 -9.06 -7.90 -1.21
CA PHE A 75 -10.27 -7.29 -0.71
C PHE A 75 -10.76 -8.09 0.46
N ALA A 76 -11.31 -7.41 1.47
CA ALA A 76 -12.00 -8.10 2.56
C ALA A 76 -13.49 -7.93 2.38
N PHE A 77 -14.19 -9.01 2.70
CA PHE A 77 -15.64 -9.12 2.60
C PHE A 77 -16.21 -9.57 3.94
N GLU A 78 -17.27 -8.92 4.38
CA GLU A 78 -18.02 -9.48 5.49
C GLU A 78 -19.37 -9.99 5.02
N GLU A 79 -19.86 -11.06 5.65
CA GLU A 79 -21.18 -11.59 5.33
C GLU A 79 -22.24 -11.03 6.27
N ILE A 80 -23.08 -10.14 5.75
CA ILE A 80 -24.10 -9.46 6.55
C ILE A 80 -25.49 -10.00 6.20
N ASP A 81 -26.08 -10.69 7.17
CA ASP A 81 -27.40 -11.32 7.03
C ASP A 81 -27.43 -12.31 5.87
N GLY A 82 -26.27 -12.91 5.57
CA GLY A 82 -26.17 -13.89 4.50
C GLY A 82 -25.83 -13.32 3.13
N VAL A 83 -25.31 -12.11 3.09
CA VAL A 83 -25.03 -11.43 1.84
C VAL A 83 -23.65 -10.78 1.84
N ASP A 84 -22.87 -11.01 0.80
CA ASP A 84 -21.49 -10.52 0.78
C ASP A 84 -21.45 -9.00 0.76
N LEU A 85 -20.55 -8.43 1.55
CA LEU A 85 -20.26 -7.01 1.50
C LEU A 85 -18.76 -6.79 1.49
N CYS A 86 -18.29 -6.06 0.49
CA CYS A 86 -16.88 -5.74 0.36
C CYS A 86 -16.68 -4.40 1.03
N PHE A 87 -16.01 -4.40 2.19
CA PHE A 87 -15.81 -3.16 2.94
C PHE A 87 -14.38 -2.58 2.89
N PHE A 88 -13.46 -3.34 2.31
CA PHE A 88 -12.06 -2.97 2.38
C PHE A 88 -11.28 -3.52 1.19
N GLY A 89 -10.35 -2.74 0.67
CA GLY A 89 -9.45 -3.22 -0.35
C GLY A 89 -8.12 -2.52 -0.20
N MET A 90 -7.07 -3.16 -0.70
CA MET A 90 -5.71 -2.65 -0.60
C MET A 90 -4.83 -3.10 -1.78
N HIS A 91 -3.92 -2.22 -2.20
CA HIS A 91 -2.93 -2.54 -3.25
C HIS A 91 -1.52 -2.41 -2.71
N VAL A 92 -0.76 -3.48 -2.73
CA VAL A 92 0.62 -3.42 -2.22
C VAL A 92 1.65 -3.63 -3.33
N GLN A 93 2.86 -3.11 -3.08
CA GLN A 93 4.01 -3.31 -3.95
C GLN A 93 5.11 -4.02 -3.17
N GLU A 94 5.48 -5.20 -3.62
CA GLU A 94 6.45 -6.02 -2.92
C GLU A 94 7.74 -6.20 -3.73
N TYR A 95 8.87 -5.87 -3.11
CA TYR A 95 10.15 -5.95 -3.83
C TYR A 95 11.02 -7.03 -3.24
N GLY A 96 11.20 -8.12 -3.98
CA GLY A 96 11.83 -9.30 -3.41
C GLY A 96 13.32 -9.21 -3.16
N SER A 97 13.90 -10.29 -2.63
CA SER A 97 15.35 -10.37 -2.39
C SER A 97 16.16 -10.22 -3.70
N ASP A 98 15.49 -10.41 -4.82
CA ASP A 98 16.12 -10.42 -6.14
C ASP A 98 16.18 -9.02 -6.72
N CYS A 99 15.89 -8.02 -5.90
CA CYS A 99 15.75 -6.66 -6.40
C CYS A 99 16.90 -5.77 -5.91
N PRO A 100 17.33 -4.85 -6.78
CA PRO A 100 18.46 -3.97 -6.51
C PRO A 100 18.15 -2.99 -5.39
N PRO A 101 19.15 -2.69 -4.55
CA PRO A 101 19.02 -1.57 -3.61
C PRO A 101 18.75 -0.30 -4.39
N PRO A 102 18.14 0.71 -3.75
CA PRO A 102 17.71 0.75 -2.35
C PRO A 102 16.50 -0.13 -1.98
N ASN A 103 15.78 -0.63 -2.99
CA ASN A 103 14.45 -1.23 -2.80
C ASN A 103 14.30 -2.67 -2.28
N GLN A 104 15.39 -3.37 -2.01
CA GLN A 104 15.18 -4.79 -1.75
C GLN A 104 14.55 -5.07 -0.40
N ARG A 105 13.65 -6.04 -0.40
CA ARG A 105 12.98 -6.58 0.79
C ARG A 105 12.05 -5.57 1.45
N ARG A 106 11.49 -4.70 0.62
CA ARG A 106 10.58 -3.68 1.09
C ARG A 106 9.19 -3.82 0.51
N VAL A 107 8.19 -3.67 1.39
CA VAL A 107 6.81 -3.58 0.92
C VAL A 107 6.27 -2.17 1.09
N TYR A 108 5.40 -1.79 0.17
CA TYR A 108 4.81 -0.46 0.14
C TYR A 108 3.29 -0.56 -0.04
N ILE A 109 2.51 0.20 0.72
CA ILE A 109 1.08 0.24 0.47
C ILE A 109 0.79 1.35 -0.54
N SER A 110 0.43 0.94 -1.75
CA SER A 110 0.09 1.87 -2.82
C SER A 110 -1.09 2.76 -2.40
N TYR A 111 -2.23 2.12 -2.21
CA TYR A 111 -3.40 2.77 -1.63
C TYR A 111 -4.24 1.76 -0.87
N LEU A 112 -5.09 2.25 0.03
CA LEU A 112 -6.10 1.43 0.67
C LEU A 112 -7.36 2.26 0.89
N ASP A 113 -8.49 1.57 0.88
CA ASP A 113 -9.79 2.20 0.82
C ASP A 113 -10.76 1.36 1.64
N SER A 114 -11.85 1.97 2.09
CA SER A 114 -12.90 1.23 2.77
C SER A 114 -14.21 1.94 2.64
N VAL A 115 -15.29 1.19 2.88
CA VAL A 115 -16.62 1.78 3.03
C VAL A 115 -17.22 1.29 4.36
N HIS A 116 -17.81 2.22 5.11
CA HIS A 116 -17.89 2.11 6.57
C HIS A 116 -19.05 1.23 7.08
N PHE A 117 -19.54 0.35 6.22
CA PHE A 117 -20.65 -0.53 6.54
C PHE A 117 -20.35 -1.84 7.31
N PHE A 118 -19.10 -2.08 7.71
CA PHE A 118 -18.80 -3.31 8.47
C PHE A 118 -19.62 -3.33 9.75
N ARG A 119 -20.07 -4.52 10.16
CA ARG A 119 -20.92 -4.64 11.34
C ARG A 119 -20.43 -5.69 12.32
N PRO A 120 -20.46 -5.37 13.62
CA PRO A 120 -20.89 -4.10 14.22
C PRO A 120 -19.91 -2.93 14.04
N LYS A 121 -20.44 -1.71 14.12
CA LYS A 121 -19.64 -0.49 14.10
C LYS A 121 -18.44 -0.50 15.04
N CYS A 122 -18.61 -1.05 16.24
CA CYS A 122 -17.62 -0.87 17.29
C CYS A 122 -16.37 -1.70 17.01
N LEU A 123 -16.47 -2.66 16.09
CA LEU A 123 -15.31 -3.43 15.64
C LEU A 123 -14.69 -3.02 14.28
N ARG A 124 -15.23 -2.03 13.59
CA ARG A 124 -14.73 -1.70 12.26
C ARG A 124 -13.21 -1.38 12.22
N THR A 125 -12.78 -0.37 12.99
CA THR A 125 -11.38 0.02 13.05
C THR A 125 -10.50 -1.17 13.49
N ALA A 126 -10.94 -1.88 14.51
CA ALA A 126 -10.18 -3.03 15.00
C ALA A 126 -9.84 -3.99 13.85
N VAL A 127 -10.87 -4.35 13.09
CA VAL A 127 -10.75 -5.25 11.95
C VAL A 127 -9.72 -4.74 10.91
N TYR A 128 -9.83 -3.47 10.50
CA TYR A 128 -8.85 -2.91 9.56
C TYR A 128 -7.42 -3.01 10.11
N HIS A 129 -7.25 -2.70 11.40
CA HIS A 129 -5.96 -2.84 12.03
C HIS A 129 -5.47 -4.28 11.89
N GLU A 130 -6.33 -5.23 12.26
CA GLU A 130 -6.03 -6.65 12.21
C GLU A 130 -5.55 -7.08 10.82
N ILE A 131 -6.26 -6.63 9.80
CA ILE A 131 -5.87 -6.91 8.42
C ILE A 131 -4.45 -6.44 8.20
N LEU A 132 -4.16 -5.24 8.69
CA LEU A 132 -2.89 -4.62 8.46
C LEU A 132 -1.78 -5.27 9.29
N ILE A 133 -2.04 -5.49 10.57
CA ILE A 133 -1.10 -6.25 11.40
C ILE A 133 -0.75 -7.55 10.67
N GLY A 134 -1.77 -8.33 10.29
CA GLY A 134 -1.55 -9.61 9.62
C GLY A 134 -0.72 -9.55 8.34
N TYR A 135 -0.97 -8.53 7.53
CA TYR A 135 -0.17 -8.34 6.31
C TYR A 135 1.28 -8.14 6.65
N LEU A 136 1.56 -7.21 7.57
CA LEU A 136 2.92 -6.95 8.05
C LEU A 136 3.54 -8.22 8.60
N GLU A 137 2.71 -9.03 9.23
CA GLU A 137 3.12 -10.26 9.84
C GLU A 137 3.48 -11.29 8.78
N TYR A 138 2.67 -11.35 7.73
CA TYR A 138 2.90 -12.31 6.65
C TYR A 138 4.20 -12.06 5.89
N VAL A 139 4.39 -10.83 5.40
CA VAL A 139 5.56 -10.46 4.60
C VAL A 139 6.84 -10.53 5.43
N LYS A 140 6.72 -10.26 6.74
CA LYS A 140 7.87 -10.42 7.63
C LYS A 140 8.37 -11.86 7.55
N LYS A 141 7.44 -12.81 7.65
CA LYS A 141 7.76 -14.22 7.57
C LYS A 141 8.36 -14.63 6.22
N LEU A 142 7.96 -13.96 5.15
CA LEU A 142 8.54 -14.26 3.85
C LEU A 142 9.96 -13.69 3.75
N GLY A 143 10.31 -12.86 4.73
CA GLY A 143 11.62 -12.24 4.74
C GLY A 143 11.73 -10.81 4.19
N TYR A 144 10.61 -10.13 3.99
CA TYR A 144 10.64 -8.68 3.73
C TYR A 144 10.95 -7.94 5.04
N THR A 145 11.99 -7.11 5.02
CA THR A 145 12.43 -6.44 6.24
C THR A 145 11.66 -5.18 6.61
N THR A 146 11.16 -4.45 5.62
CA THR A 146 10.64 -3.13 5.92
C THR A 146 9.33 -2.80 5.17
N GLY A 147 8.33 -2.33 5.92
CA GLY A 147 7.13 -1.79 5.34
C GLY A 147 7.17 -0.29 5.20
N HIS A 148 6.44 0.24 4.23
CA HIS A 148 6.40 1.68 3.99
C HIS A 148 4.97 2.17 3.78
N ILE A 149 4.54 3.14 4.57
CA ILE A 149 3.26 3.78 4.33
C ILE A 149 3.37 5.31 4.24
N TRP A 150 2.67 5.86 3.27
CA TRP A 150 2.48 7.28 3.08
C TRP A 150 1.06 7.64 3.50
N ALA A 151 0.91 8.38 4.59
CA ALA A 151 -0.44 8.61 5.09
C ALA A 151 -1.02 9.83 4.38
N CYS A 152 -1.88 9.52 3.42
CA CYS A 152 -2.32 10.51 2.45
C CYS A 152 -3.79 10.39 2.13
N PRO A 153 -4.65 11.12 2.84
CA PRO A 153 -6.09 10.96 2.53
C PRO A 153 -6.38 11.40 1.11
N PRO A 154 -7.45 10.87 0.49
CA PRO A 154 -7.78 11.29 -0.88
C PRO A 154 -8.19 12.74 -0.94
N SER A 155 -8.05 13.37 -2.11
CA SER A 155 -8.53 14.74 -2.30
C SER A 155 -10.04 14.65 -2.30
N GLU A 156 -10.72 15.77 -2.01
CA GLU A 156 -12.19 15.74 -1.95
C GLU A 156 -12.81 15.20 -3.25
N GLY A 157 -13.86 14.41 -3.11
CA GLY A 157 -14.56 13.84 -4.25
C GLY A 157 -13.78 12.79 -5.02
N ASP A 158 -12.62 12.43 -4.49
CA ASP A 158 -11.75 11.48 -5.14
C ASP A 158 -11.89 10.10 -4.46
N ASP A 159 -11.91 9.03 -5.24
CA ASP A 159 -12.02 7.67 -4.71
C ASP A 159 -10.73 6.88 -4.91
N TYR A 160 -10.21 6.31 -3.84
CA TYR A 160 -9.03 5.48 -3.98
C TYR A 160 -9.34 4.17 -4.69
N ILE A 161 -10.28 3.41 -4.17
CA ILE A 161 -10.57 2.09 -4.72
C ILE A 161 -12.05 1.95 -5.05
N PHE A 162 -12.89 2.18 -4.06
CA PHE A 162 -14.34 2.13 -4.23
C PHE A 162 -14.93 3.41 -4.82
N HIS A 163 -15.81 3.25 -5.79
CA HIS A 163 -16.48 4.36 -6.46
C HIS A 163 -17.69 4.84 -5.66
N CYS A 164 -17.74 6.15 -5.37
CA CYS A 164 -18.83 6.78 -4.61
C CYS A 164 -19.01 6.38 -3.15
N HIS A 165 -18.07 6.76 -2.30
CA HIS A 165 -18.25 6.54 -0.85
C HIS A 165 -19.53 7.22 -0.40
N PRO A 166 -20.17 6.66 0.62
CA PRO A 166 -21.38 7.26 1.19
C PRO A 166 -21.16 8.73 1.53
N PRO A 167 -22.10 9.60 1.14
CA PRO A 167 -22.03 11.02 1.50
C PRO A 167 -21.70 11.30 2.98
N ASP A 168 -22.09 10.46 3.92
CA ASP A 168 -21.75 10.79 5.32
C ASP A 168 -20.51 10.09 5.90
N GLN A 169 -19.78 9.29 5.13
CA GLN A 169 -18.56 8.69 5.68
C GLN A 169 -17.45 9.72 5.65
N LYS A 170 -16.97 10.17 6.81
CA LYS A 170 -16.02 11.27 6.83
C LYS A 170 -14.66 10.77 6.35
N ILE A 171 -13.91 11.68 5.75
CA ILE A 171 -12.55 11.37 5.30
C ILE A 171 -11.57 11.98 6.28
N PRO A 172 -10.70 11.16 6.85
CA PRO A 172 -9.79 11.71 7.87
C PRO A 172 -8.76 12.69 7.31
N LYS A 173 -8.45 13.70 8.11
CA LYS A 173 -7.34 14.61 7.85
C LYS A 173 -6.03 13.91 8.19
N PRO A 174 -4.90 14.49 7.76
CA PRO A 174 -3.62 13.80 7.95
C PRO A 174 -3.29 13.45 9.41
N LYS A 175 -3.45 14.38 10.35
CA LYS A 175 -3.10 14.08 11.74
C LYS A 175 -3.87 12.85 12.24
N ARG A 176 -5.15 12.76 11.94
CA ARG A 176 -5.95 11.63 12.38
C ARG A 176 -5.51 10.32 11.74
N LEU A 177 -5.32 10.36 10.42
CA LEU A 177 -4.79 9.24 9.69
C LEU A 177 -3.45 8.79 10.30
N GLN A 178 -2.57 9.74 10.64
CA GLN A 178 -1.30 9.40 11.29
C GLN A 178 -1.53 8.64 12.59
N GLU A 179 -2.46 9.14 13.38
CA GLU A 179 -2.72 8.57 14.69
C GLU A 179 -3.28 7.18 14.54
N TRP A 180 -4.05 6.99 13.48
CA TRP A 180 -4.68 5.72 13.15
C TRP A 180 -3.63 4.69 12.76
N PHE A 181 -2.63 5.07 11.97
CA PHE A 181 -1.54 4.16 11.65
C PHE A 181 -0.71 3.87 12.89
N LYS A 182 -0.55 4.86 13.75
CA LYS A 182 0.23 4.69 14.97
C LYS A 182 -0.42 3.64 15.86
N LYS A 183 -1.73 3.75 16.03
CA LYS A 183 -2.43 2.83 16.90
C LYS A 183 -2.32 1.40 16.37
N MET A 184 -2.39 1.25 15.05
CA MET A 184 -2.17 -0.03 14.42
C MET A 184 -0.72 -0.54 14.63
N LEU A 185 0.27 0.32 14.44
CA LEU A 185 1.64 -0.13 14.55
C LEU A 185 2.03 -0.48 15.98
N ASP A 186 1.47 0.22 16.96
CA ASP A 186 1.75 -0.07 18.38
C ASP A 186 1.29 -1.47 18.73
N LYS A 187 0.09 -1.81 18.25
CA LYS A 187 -0.43 -3.14 18.47
C LYS A 187 0.52 -4.18 17.85
N ALA A 188 1.03 -3.91 16.65
CA ALA A 188 1.97 -4.85 16.04
C ALA A 188 3.31 -4.83 16.76
N VAL A 189 3.64 -3.74 17.44
CA VAL A 189 4.90 -3.71 18.19
C VAL A 189 4.71 -4.53 19.47
N SER A 190 3.56 -4.41 20.10
CA SER A 190 3.38 -5.12 21.37
C SER A 190 3.31 -6.63 21.10
N GLU A 191 2.89 -7.00 19.90
CA GLU A 191 2.81 -8.41 19.50
C GLU A 191 4.13 -8.89 18.89
N ARG A 192 5.14 -8.02 18.93
CA ARG A 192 6.48 -8.34 18.48
C ARG A 192 6.49 -8.64 16.99
N ILE A 193 5.51 -8.14 16.27
CA ILE A 193 5.57 -8.30 14.83
C ILE A 193 6.47 -7.21 14.27
N VAL A 194 6.29 -5.99 14.75
CA VAL A 194 7.09 -4.87 14.31
C VAL A 194 8.19 -4.59 15.34
N HIS A 195 9.42 -4.43 14.87
CA HIS A 195 10.52 -4.06 15.77
C HIS A 195 10.31 -2.65 16.29
N ASP A 196 10.18 -1.70 15.36
CA ASP A 196 9.97 -0.31 15.71
C ASP A 196 9.55 0.43 14.45
N TYR A 197 9.19 1.70 14.57
CA TYR A 197 8.88 2.47 13.37
C TYR A 197 9.21 3.94 13.60
N LYS A 198 9.52 4.66 12.53
CA LYS A 198 9.90 6.07 12.61
C LYS A 198 9.46 6.85 11.39
N ASP A 199 9.43 8.17 11.51
CA ASP A 199 9.15 9.00 10.35
C ASP A 199 10.34 8.88 9.41
N ILE A 200 10.14 9.25 8.15
CA ILE A 200 11.17 9.12 7.15
C ILE A 200 12.41 9.89 7.57
N PHE A 201 12.21 11.07 8.14
CA PHE A 201 13.34 11.92 8.48
C PHE A 201 14.29 11.29 9.50
N LYS A 202 13.76 10.91 10.65
CA LYS A 202 14.55 10.29 11.70
C LYS A 202 15.24 9.06 11.13
N GLN A 203 14.48 8.27 10.39
CA GLN A 203 14.97 7.03 9.85
C GLN A 203 16.13 7.25 8.92
N ALA A 204 16.01 8.24 8.04
CA ALA A 204 17.07 8.54 7.07
C ALA A 204 18.35 9.03 7.76
N THR A 205 18.21 9.83 8.81
CA THR A 205 19.36 10.31 9.57
C THR A 205 20.08 9.14 10.25
N GLU A 206 19.31 8.32 10.95
CA GLU A 206 19.84 7.09 11.56
C GLU A 206 20.59 6.19 10.58
N ASP A 207 19.93 5.83 9.48
CA ASP A 207 20.55 5.04 8.43
C ASP A 207 21.71 5.81 7.82
N ARG A 208 21.80 7.09 8.17
CA ARG A 208 22.90 7.94 7.77
C ARG A 208 23.02 8.02 6.26
N LEU A 209 21.91 8.26 5.58
CA LEU A 209 21.92 8.28 4.12
C LEU A 209 22.44 9.63 3.64
N THR A 210 23.38 9.58 2.72
CA THR A 210 23.94 10.82 2.15
C THR A 210 23.46 11.21 0.74
N SER A 211 22.71 10.35 0.08
CA SER A 211 22.35 10.62 -1.32
C SER A 211 20.98 10.08 -1.73
N ALA A 212 20.30 10.84 -2.58
CA ALA A 212 18.98 10.48 -3.08
C ALA A 212 18.94 9.06 -3.66
N LYS A 213 20.06 8.57 -4.22
CA LYS A 213 20.05 7.24 -4.83
C LYS A 213 19.74 6.17 -3.78
N GLU A 214 19.91 6.53 -2.51
CA GLU A 214 19.74 5.61 -1.40
C GLU A 214 18.31 5.50 -0.91
N LEU A 215 17.49 6.46 -1.31
CA LEU A 215 16.10 6.49 -0.93
C LEU A 215 15.33 5.47 -1.74
N PRO A 216 14.56 4.60 -1.06
CA PRO A 216 13.69 3.61 -1.71
C PRO A 216 12.80 4.29 -2.75
N TYR A 217 12.72 3.69 -3.93
CA TYR A 217 12.09 4.33 -5.08
C TYR A 217 10.88 3.50 -5.48
N PHE A 218 9.69 4.02 -5.20
CA PHE A 218 8.44 3.27 -5.36
C PHE A 218 7.49 3.88 -6.40
N GLU A 219 6.63 3.05 -6.95
CA GLU A 219 5.68 3.48 -7.97
C GLU A 219 4.48 4.27 -7.44
N GLY A 220 4.33 5.50 -7.94
CA GLY A 220 3.17 6.32 -7.63
C GLY A 220 3.42 7.18 -6.41
N ASP A 221 4.51 6.86 -5.72
CA ASP A 221 4.87 7.47 -4.45
C ASP A 221 5.42 8.90 -4.58
N PHE A 222 5.37 9.60 -3.45
CA PHE A 222 5.77 10.99 -3.32
C PHE A 222 7.21 11.26 -3.75
N TRP A 223 8.15 10.48 -3.23
CA TRP A 223 9.55 10.90 -3.33
C TRP A 223 10.13 10.88 -4.75
N PRO A 224 9.73 9.90 -5.58
CA PRO A 224 10.27 10.00 -6.95
C PRO A 224 9.84 11.30 -7.64
N ASN A 225 8.64 11.81 -7.37
CA ASN A 225 8.19 13.10 -7.92
C ASN A 225 8.87 14.31 -7.26
N VAL A 226 9.08 14.24 -5.95
CA VAL A 226 9.81 15.26 -5.22
C VAL A 226 11.22 15.43 -5.78
N LEU A 227 11.94 14.32 -5.92
CA LEU A 227 13.29 14.34 -6.48
C LEU A 227 13.27 15.00 -7.86
N GLU A 228 12.35 14.57 -8.71
CA GLU A 228 12.20 15.17 -10.03
C GLU A 228 12.00 16.69 -9.95
N GLU A 229 11.04 17.13 -9.14
CA GLU A 229 10.79 18.55 -8.98
C GLU A 229 12.04 19.22 -8.36
N SER A 230 12.85 18.43 -7.65
CA SER A 230 14.04 18.96 -6.97
C SER A 230 15.23 19.14 -7.90
N ILE A 231 15.41 18.19 -8.80
CA ILE A 231 16.39 18.34 -9.86
C ILE A 231 15.94 19.46 -10.81
N LYS A 232 14.64 19.52 -11.06
CA LYS A 232 14.08 20.56 -11.90
C LYS A 232 14.44 21.93 -11.36
N GLU A 233 14.33 22.12 -10.04
CA GLU A 233 14.69 23.41 -9.45
C GLU A 233 16.20 23.51 -9.26
N LEU A 234 16.84 22.37 -9.06
CA LEU A 234 18.30 22.35 -8.98
C LEU A 234 18.88 22.81 -10.32
N GLU A 235 18.15 22.53 -11.41
CA GLU A 235 18.56 22.95 -12.76
C GLU A 235 18.30 24.42 -13.00
N GLN A 236 17.15 24.91 -12.56
CA GLN A 236 16.80 26.32 -12.72
C GLN A 236 17.77 27.22 -11.96
N GLU A 237 18.33 26.70 -10.88
CA GLU A 237 19.30 27.44 -10.08
C GLU A 237 20.56 27.62 -10.89
N GLU A 238 21.01 26.51 -11.49
CA GLU A 238 22.20 26.46 -12.34
C GLU A 238 22.04 27.42 -13.52
N GLU A 239 20.86 27.42 -14.13
CA GLU A 239 20.56 28.38 -15.18
C GLU A 239 20.61 29.83 -14.67
N GLU A 240 20.26 30.04 -13.39
CA GLU A 240 20.35 31.37 -12.81
C GLU A 240 21.83 31.77 -12.63
N ARG A 241 22.66 30.81 -12.25
CA ARG A 241 24.10 31.04 -12.13
C ARG A 241 24.76 31.19 -13.50
N LYS A 242 24.28 30.41 -14.47
CA LYS A 242 24.66 30.55 -15.88
C LYS A 242 24.55 32.00 -16.40
N ARG A 243 23.43 32.67 -16.08
CA ARG A 243 23.21 34.05 -16.52
C ARG A 243 24.25 35.02 -15.98
N GLU A 244 24.59 34.84 -14.70
CA GLU A 244 25.49 35.73 -13.98
C GLU A 244 26.91 35.61 -14.53
N GLU A 245 27.20 34.47 -15.16
CA GLU A 245 28.47 34.26 -15.83
C GLU A 245 28.38 34.63 -17.30
N ASN A 246 27.24 35.19 -17.69
CA ASN A 246 26.88 35.44 -19.07
C ASN A 246 26.82 34.18 -19.95
N THR A 247 25.87 33.29 -19.63
CA THR A 247 25.51 32.16 -20.51
C THR A 247 23.98 32.04 -20.63
N SER A 248 23.47 32.26 -21.84
CA SER A 248 22.03 32.38 -22.15
C SER A 248 21.14 32.66 -20.93
N ASP A 293 22.82 21.28 -3.40
CA ASP A 293 22.91 19.84 -3.20
C ASP A 293 21.54 19.20 -3.37
N LEU A 294 21.49 18.04 -4.02
CA LEU A 294 20.26 17.31 -4.18
C LEU A 294 19.79 16.77 -2.84
N SER A 295 20.72 16.16 -2.10
CA SER A 295 20.39 15.59 -0.80
C SER A 295 20.15 16.64 0.28
N GLN A 296 20.38 17.91 -0.06
CA GLN A 296 20.12 19.01 0.86
C GLN A 296 18.64 19.28 0.95
N LYS A 297 18.02 19.57 -0.19
CA LYS A 297 16.58 19.80 -0.21
C LYS A 297 15.78 18.50 0.00
N LEU A 298 16.40 17.34 -0.20
CA LEU A 298 15.71 16.07 0.08
C LEU A 298 15.46 15.98 1.58
N TYR A 299 16.49 16.29 2.36
CA TYR A 299 16.43 16.26 3.81
C TYR A 299 15.51 17.36 4.35
N ALA A 300 15.47 18.50 3.66
CA ALA A 300 14.63 19.62 4.06
C ALA A 300 13.17 19.28 3.88
N THR A 301 12.87 18.80 2.67
CA THR A 301 11.55 18.30 2.34
C THR A 301 11.13 17.15 3.25
N MET A 302 12.01 16.15 3.43
CA MET A 302 11.69 15.04 4.32
C MET A 302 11.28 15.53 5.71
N GLU A 303 12.01 16.52 6.24
CA GLU A 303 11.73 17.04 7.57
C GLU A 303 10.39 17.77 7.61
N LYS A 304 10.09 18.52 6.56
CA LYS A 304 8.90 19.34 6.51
C LYS A 304 7.62 18.50 6.52
N HIS A 305 7.66 17.39 5.80
CA HIS A 305 6.54 16.48 5.66
C HIS A 305 6.65 15.19 6.51
N LYS A 306 7.71 15.07 7.29
CA LYS A 306 8.09 13.79 7.89
C LYS A 306 6.98 12.99 8.59
N GLU A 307 6.07 13.68 9.25
CA GLU A 307 5.05 13.04 10.08
C GLU A 307 4.15 12.10 9.29
N VAL A 308 4.06 12.34 8.01
CA VAL A 308 3.09 11.67 7.18
C VAL A 308 3.68 10.44 6.46
N PHE A 309 4.98 10.20 6.69
CA PHE A 309 5.68 9.08 6.04
C PHE A 309 6.26 8.11 7.06
N PHE A 310 5.70 6.89 7.08
CA PHE A 310 6.15 5.85 7.98
C PHE A 310 7.22 4.93 7.38
N VAL A 311 8.26 4.64 8.15
CA VAL A 311 9.15 3.55 7.80
C VAL A 311 9.01 2.49 8.88
N ILE A 312 8.57 1.29 8.48
CA ILE A 312 8.26 0.24 9.45
C ILE A 312 9.25 -0.93 9.35
N ARG A 313 10.03 -1.10 10.42
CA ARG A 313 11.07 -2.12 10.47
C ARG A 313 10.53 -3.44 11.03
N LEU A 314 10.41 -4.42 10.13
CA LEU A 314 9.95 -5.76 10.48
C LEU A 314 11.09 -6.61 11.02
N ILE A 315 12.25 -6.47 10.38
CA ILE A 315 13.48 -7.12 10.81
C ILE A 315 14.64 -6.13 10.82
N ALA A 316 15.20 -5.89 12.00
CA ALA A 316 16.32 -4.97 12.10
C ALA A 316 17.57 -5.71 12.49
N GLY A 317 18.67 -4.97 12.59
CA GLY A 317 19.90 -5.49 13.15
C GLY A 317 20.41 -6.75 12.50
N PRO A 318 20.62 -7.79 13.32
CA PRO A 318 21.36 -8.98 12.89
C PRO A 318 20.70 -9.70 11.74
N ALA A 319 19.40 -9.93 11.85
CA ALA A 319 18.74 -10.87 10.96
C ALA A 319 18.83 -10.44 9.49
N ALA A 320 18.69 -9.14 9.23
CA ALA A 320 18.57 -8.65 7.85
C ALA A 320 19.86 -8.82 7.04
N ASN A 321 20.98 -9.03 7.73
CA ASN A 321 22.27 -9.22 7.07
C ASN A 321 22.21 -10.38 6.09
N SER A 322 22.01 -11.57 6.65
CA SER A 322 21.97 -12.80 5.87
C SER A 322 20.64 -13.52 6.00
N LEU A 323 19.86 -13.49 4.92
CA LEU A 323 18.56 -14.11 4.87
C LEU A 323 18.45 -15.02 3.67
N PRO A 324 17.69 -16.11 3.82
CA PRO A 324 17.41 -16.96 2.65
C PRO A 324 16.62 -16.14 1.65
N PRO A 325 16.61 -16.55 0.38
CA PRO A 325 15.94 -15.65 -0.57
C PRO A 325 14.42 -15.66 -0.37
N ILE A 326 13.75 -14.56 -0.75
CA ILE A 326 12.31 -14.47 -0.60
C ILE A 326 11.61 -15.42 -1.57
N VAL A 327 10.80 -16.33 -1.03
CA VAL A 327 10.05 -17.26 -1.87
C VAL A 327 8.54 -17.16 -1.67
N ASP A 328 7.85 -16.67 -2.69
CA ASP A 328 6.41 -16.48 -2.62
C ASP A 328 5.71 -17.76 -3.05
N PRO A 329 5.11 -18.47 -2.09
CA PRO A 329 4.42 -19.73 -2.40
C PRO A 329 3.15 -19.55 -3.23
N ASP A 330 2.62 -18.33 -3.30
CA ASP A 330 1.38 -18.06 -4.02
C ASP A 330 1.63 -17.75 -5.50
N PRO A 331 0.73 -18.22 -6.38
CA PRO A 331 0.83 -18.07 -7.82
C PRO A 331 0.55 -16.66 -8.26
N LEU A 332 0.97 -16.32 -9.48
CA LEU A 332 0.52 -15.08 -10.12
C LEU A 332 -0.98 -15.18 -10.43
N ILE A 333 -1.68 -14.08 -10.20
CA ILE A 333 -3.09 -14.03 -10.50
C ILE A 333 -3.26 -12.92 -11.52
N PRO A 334 -3.19 -13.25 -12.82
CA PRO A 334 -3.50 -12.20 -13.78
C PRO A 334 -4.94 -11.77 -13.59
N CYS A 335 -5.20 -10.49 -13.41
CA CYS A 335 -6.55 -10.00 -13.48
C CYS A 335 -6.55 -8.59 -14.05
N ASP A 336 -7.18 -8.37 -15.18
CA ASP A 336 -7.06 -7.06 -15.82
C ASP A 336 -7.76 -5.97 -15.01
N LEU A 337 -8.81 -6.36 -14.31
CA LEU A 337 -9.64 -5.40 -13.62
C LEU A 337 -8.96 -4.85 -12.37
N MET A 338 -8.17 -5.70 -11.74
CA MET A 338 -7.49 -5.39 -10.49
C MET A 338 -6.02 -4.98 -10.62
N ASP A 339 -5.52 -4.68 -11.83
CA ASP A 339 -4.13 -4.20 -11.95
C ASP A 339 -4.11 -2.66 -11.84
N GLY A 340 -3.65 -2.14 -10.73
CA GLY A 340 -3.86 -0.74 -10.44
C GLY A 340 -5.29 -0.54 -9.96
N ARG A 341 -5.62 0.71 -9.60
CA ARG A 341 -6.96 1.02 -9.09
C ARG A 341 -7.97 1.55 -10.13
N ASP A 342 -7.50 1.92 -11.32
CA ASP A 342 -8.33 2.64 -12.28
C ASP A 342 -9.30 1.77 -13.08
N ALA A 343 -8.92 0.53 -13.35
CA ALA A 343 -9.83 -0.35 -14.06
C ALA A 343 -11.16 -0.46 -13.32
N PHE A 344 -11.11 -0.81 -12.04
CA PHE A 344 -12.32 -1.13 -11.28
C PHE A 344 -13.16 0.12 -11.01
N LEU A 345 -12.50 1.26 -10.95
CA LEU A 345 -13.17 2.54 -10.86
C LEU A 345 -13.85 2.92 -12.17
N THR A 346 -13.28 2.48 -13.27
CA THR A 346 -13.84 2.73 -14.58
C THR A 346 -15.09 1.89 -14.70
N LEU A 347 -14.90 0.59 -14.46
CA LEU A 347 -15.99 -0.35 -14.45
C LEU A 347 -17.14 0.13 -13.56
N ALA A 348 -16.78 0.60 -12.36
CA ALA A 348 -17.77 1.11 -11.41
C ALA A 348 -18.56 2.25 -12.03
N ARG A 349 -17.83 3.22 -12.56
CA ARG A 349 -18.41 4.37 -13.26
C ARG A 349 -19.25 3.92 -14.45
N ASP A 350 -18.66 3.11 -15.34
CA ASP A 350 -19.39 2.63 -16.51
C ASP A 350 -20.71 1.96 -16.10
N LYS A 351 -20.62 0.98 -15.20
CA LYS A 351 -21.79 0.16 -14.84
C LYS A 351 -22.59 0.78 -13.69
N HIS A 352 -22.21 1.97 -13.26
CA HIS A 352 -22.93 2.70 -12.21
C HIS A 352 -22.95 1.98 -10.87
N LEU A 353 -21.87 1.26 -10.55
CA LEU A 353 -21.75 0.62 -9.24
C LEU A 353 -21.35 1.67 -8.22
N GLU A 354 -22.21 1.90 -7.24
CA GLU A 354 -21.84 2.81 -6.17
C GLU A 354 -21.77 2.02 -4.88
N PHE A 355 -20.91 2.50 -4.00
CA PHE A 355 -20.76 2.00 -2.63
C PHE A 355 -21.40 2.95 -1.63
N SER A 356 -22.31 3.79 -2.12
CA SER A 356 -22.88 4.90 -1.36
C SER A 356 -23.83 4.54 -0.21
N SER A 357 -24.24 3.29 -0.11
CA SER A 357 -25.06 2.82 1.02
C SER A 357 -24.94 1.32 1.15
N LEU A 358 -25.32 0.77 2.30
CA LEU A 358 -25.10 -0.66 2.52
C LEU A 358 -25.75 -1.49 1.42
N ARG A 359 -26.90 -1.00 0.94
CA ARG A 359 -27.69 -1.72 -0.05
C ARG A 359 -27.09 -1.61 -1.46
N ARG A 360 -26.55 -0.44 -1.79
CA ARG A 360 -25.89 -0.34 -3.08
C ARG A 360 -24.58 -1.09 -3.05
N ALA A 361 -23.79 -0.84 -2.01
CA ALA A 361 -22.49 -1.48 -1.87
C ALA A 361 -22.61 -3.02 -1.94
N GLN A 362 -23.74 -3.57 -1.52
CA GLN A 362 -23.92 -5.01 -1.57
C GLN A 362 -24.14 -5.44 -3.00
N TRP A 363 -25.02 -4.71 -3.69
CA TRP A 363 -25.30 -4.91 -5.10
C TRP A 363 -24.01 -4.78 -5.91
N SER A 364 -23.29 -3.67 -5.73
CA SER A 364 -21.94 -3.52 -6.26
C SER A 364 -21.00 -4.69 -5.89
N THR A 365 -21.06 -5.17 -4.65
CA THR A 365 -20.20 -6.27 -4.24
C THR A 365 -20.56 -7.49 -5.12
N MET A 366 -21.86 -7.63 -5.41
CA MET A 366 -22.34 -8.69 -6.29
C MET A 366 -21.68 -8.66 -7.67
N CYS A 367 -21.85 -7.54 -8.36
CA CYS A 367 -21.33 -7.35 -9.71
C CYS A 367 -19.82 -7.49 -9.72
N MET A 368 -19.17 -6.83 -8.78
CA MET A 368 -17.74 -6.97 -8.64
C MET A 368 -17.38 -8.44 -8.63
N LEU A 369 -18.11 -9.23 -7.85
CA LEU A 369 -17.77 -10.63 -7.69
C LEU A 369 -18.05 -11.42 -8.96
N VAL A 370 -19.24 -11.27 -9.52
CA VAL A 370 -19.55 -11.94 -10.78
C VAL A 370 -18.47 -11.71 -11.82
N GLU A 371 -18.14 -10.44 -12.01
CA GLU A 371 -17.07 -10.04 -12.94
C GLU A 371 -15.77 -10.76 -12.64
N LEU A 372 -15.36 -10.75 -11.38
CA LEU A 372 -14.11 -11.41 -10.99
C LEU A 372 -14.15 -12.87 -11.36
N HIS A 373 -15.32 -13.47 -11.29
CA HIS A 373 -15.48 -14.87 -11.60
C HIS A 373 -15.49 -15.18 -13.11
N THR A 374 -16.25 -14.41 -13.88
CA THR A 374 -16.36 -14.64 -15.32
C THR A 374 -15.08 -14.22 -16.05
N GLN A 375 -14.38 -13.27 -15.46
CA GLN A 375 -13.12 -12.80 -16.03
C GLN A 375 -11.98 -13.73 -15.62
N SER A 376 -12.32 -14.73 -14.82
CA SER A 376 -11.37 -15.76 -14.41
C SER A 376 -11.51 -17.03 -15.28
N GLN A 377 -12.35 -16.98 -16.30
CA GLN A 377 -12.69 -18.20 -17.06
C GLN A 377 -12.32 -18.18 -18.55
N ASP A 378 -12.30 -19.39 -19.12
CA ASP A 378 -11.90 -19.62 -20.52
C ASP A 378 -13.12 -19.68 -21.45
#